data_7QFT
#
_entry.id   7QFT
#
_cell.length_a   38.370
_cell.length_b   39.970
_cell.length_c   65.070
_cell.angle_alpha   81.900
_cell.angle_beta   84.950
_cell.angle_gamma   70.710
#
_symmetry.space_group_name_H-M   'P 1'
#
loop_
_entity.id
_entity.type
_entity.pdbx_description
1 polymer Kallikrein-6
2 polymer 'KLK6 Activity-Based Probe (Ahx-DPhe-Cha-Dht-Arg-DPP)'
3 water water
#
loop_
_entity_poly.entity_id
_entity_poly.type
_entity_poly.pdbx_seq_one_letter_code
_entity_poly.pdbx_strand_id
1 'polypeptide(L)'
;LVHGGPCDKTSHPYQAALYTSGHLLCGGVLIHPLWVLTAAHCKKPNLQVFLGKHNLGQQESSQEQSSVVRAVIHPDYDAA
SHDQDIMLLRLARPAKLSELIQPLPLERDCSAQTTSCHILGWGKTADGDFPDTIQCAYIHLVSREECEHAYPGQITQNML
CAGDEKYGKDSCQGDSGGPLVCGDHLRGLVSWGNIPCGSKEKPGVYTNVCRYTNWIQKTIQAK
;
A,B
2 'polypeptide(L)' (ACA)(DPN)(ALC)(A1H2D)(A1H2E) C,D
#
# COMPACT_ATOMS: atom_id res chain seq x y z
N LEU A 1 20.84 6.27 -11.15
CA LEU A 1 21.67 5.06 -11.15
C LEU A 1 23.14 5.44 -11.18
N VAL A 2 23.95 4.64 -10.52
CA VAL A 2 25.35 4.98 -10.27
C VAL A 2 26.23 4.17 -11.20
N HIS A 3 27.26 4.82 -11.72
CA HIS A 3 28.36 4.25 -12.48
C HIS A 3 27.96 3.86 -13.91
N GLY A 4 26.88 4.45 -14.41
CA GLY A 4 26.45 4.31 -15.79
C GLY A 4 26.83 5.53 -16.60
N GLY A 5 26.06 5.79 -17.64
CA GLY A 5 26.27 6.97 -18.44
C GLY A 5 25.00 7.29 -19.18
N PRO A 6 24.97 8.41 -19.89
CA PRO A 6 23.76 8.78 -20.61
C PRO A 6 23.34 7.73 -21.64
N CYS A 7 22.05 7.44 -21.67
CA CYS A 7 21.55 6.48 -22.63
C CYS A 7 21.60 7.03 -24.05
N ASP A 8 21.59 6.11 -25.01
CA ASP A 8 21.31 6.46 -26.40
C ASP A 8 19.89 7.01 -26.50
N LYS A 9 19.75 8.08 -27.29
CA LYS A 9 18.50 8.82 -27.40
C LYS A 9 17.33 7.96 -27.89
N THR A 10 17.60 6.96 -28.75
CA THR A 10 16.51 6.23 -29.39
C THR A 10 16.24 4.85 -28.77
N SER A 11 16.89 4.51 -27.65
CA SER A 11 16.91 3.14 -27.16
CA SER A 11 16.88 3.14 -27.17
C SER A 11 15.98 2.92 -25.97
N HIS A 12 15.26 3.94 -25.51
CA HIS A 12 14.43 3.81 -24.31
C HIS A 12 13.02 4.34 -24.50
N PRO A 13 12.33 3.95 -25.59
CA PRO A 13 11.01 4.54 -25.86
C PRO A 13 9.92 4.14 -24.87
N TYR A 14 10.18 3.13 -24.04
CA TYR A 14 9.26 2.66 -23.02
C TYR A 14 9.45 3.35 -21.69
N GLN A 15 10.45 4.21 -21.55
CA GLN A 15 10.75 4.76 -20.24
C GLN A 15 9.74 5.85 -19.91
N ALA A 16 9.18 5.78 -18.70
CA ALA A 16 8.30 6.83 -18.20
C ALA A 16 9.01 7.55 -17.06
N ALA A 17 8.71 8.83 -16.92
CA ALA A 17 9.12 9.61 -15.76
C ALA A 17 7.86 9.90 -14.97
N LEU A 18 7.92 9.67 -13.67
CA LEU A 18 6.80 9.95 -12.79
C LEU A 18 7.15 11.19 -11.98
N TYR A 19 6.29 12.19 -12.04
CA TYR A 19 6.52 13.43 -11.34
C TYR A 19 5.41 13.68 -10.32
N THR A 20 5.77 14.42 -9.28
CA THR A 20 4.77 15.06 -8.43
C THR A 20 5.28 16.47 -8.16
N SER A 21 4.34 17.42 -8.15
CA SER A 21 4.66 18.83 -7.87
C SER A 21 5.76 19.34 -8.79
N GLY A 22 5.76 18.86 -10.04
CA GLY A 22 6.69 19.35 -11.04
C GLY A 22 8.08 18.76 -10.99
N HIS A 23 8.32 17.77 -10.15
CA HIS A 23 9.65 17.21 -9.96
C HIS A 23 9.64 15.69 -10.06
N LEU A 24 10.73 15.14 -10.61
CA LEU A 24 10.88 13.69 -10.72
C LEU A 24 10.70 13.00 -9.36
N LEU A 25 9.90 11.95 -9.34
CA LEU A 25 9.75 11.08 -8.19
C LEU A 25 10.31 9.69 -8.44
N CYS A 26 9.97 9.11 -9.57
CA CYS A 26 10.27 7.71 -9.85
C CYS A 26 10.34 7.53 -11.35
N GLY A 27 10.81 6.35 -11.75
CA GLY A 27 10.62 5.90 -13.11
C GLY A 27 9.39 5.02 -13.24
N GLY A 28 9.16 4.60 -14.48
CA GLY A 28 8.06 3.71 -14.79
C GLY A 28 8.29 3.18 -16.18
N VAL A 29 7.45 2.21 -16.57
CA VAL A 29 7.60 1.56 -17.86
C VAL A 29 6.25 1.58 -18.58
N LEU A 30 6.23 2.14 -19.79
CA LEU A 30 5.01 2.05 -20.58
C LEU A 30 4.86 0.62 -21.03
N ILE A 31 3.77 -0.05 -20.66
CA ILE A 31 3.56 -1.44 -21.05
C ILE A 31 2.35 -1.62 -21.95
N HIS A 32 1.55 -0.58 -22.16
CA HIS A 32 0.32 -0.56 -22.92
C HIS A 32 0.04 0.92 -23.15
N PRO A 33 -0.60 1.31 -24.23
CA PRO A 33 -0.84 2.75 -24.46
C PRO A 33 -1.55 3.45 -23.32
N LEU A 34 -2.30 2.72 -22.50
CA LEU A 34 -3.08 3.33 -21.44
C LEU A 34 -2.46 3.12 -20.07
N TRP A 35 -1.36 2.37 -19.96
CA TRP A 35 -0.88 1.92 -18.65
C TRP A 35 0.63 1.97 -18.52
N VAL A 36 1.06 2.54 -17.40
CA VAL A 36 2.45 2.59 -16.99
C VAL A 36 2.62 1.70 -15.75
N LEU A 37 3.59 0.81 -15.80
CA LEU A 37 3.96 -0.01 -14.67
C LEU A 37 5.04 0.67 -13.84
N THR A 38 4.91 0.60 -12.52
CA THR A 38 5.91 1.20 -11.65
C THR A 38 5.90 0.46 -10.31
N ALA A 39 6.70 0.96 -9.36
CA ALA A 39 6.74 0.38 -8.02
C ALA A 39 5.60 0.94 -7.19
N ALA A 40 5.01 0.07 -6.36
CA ALA A 40 3.98 0.52 -5.42
C ALA A 40 4.50 1.59 -4.47
N HIS A 41 5.77 1.51 -4.07
CA HIS A 41 6.27 2.52 -3.14
C HIS A 41 6.34 3.91 -3.76
N CYS A 42 6.13 4.03 -5.08
CA CYS A 42 6.02 5.34 -5.73
C CYS A 42 4.63 5.97 -5.63
N LYS A 43 3.67 5.33 -4.98
CA LYS A 43 2.34 5.93 -4.94
C LYS A 43 2.37 7.24 -4.19
N LYS A 44 1.85 8.28 -4.83
CA LYS A 44 1.59 9.55 -4.18
C LYS A 44 0.33 10.11 -4.81
N PRO A 45 -0.33 11.03 -4.14
CA PRO A 45 -1.47 11.68 -4.80
C PRO A 45 -0.92 12.56 -5.92
N ASN A 46 -1.73 12.76 -6.95
CA ASN A 46 -1.40 13.73 -8.01
C ASN A 46 -0.17 13.34 -8.85
N LEU A 47 -0.01 12.05 -9.15
CA LEU A 47 1.08 11.61 -10.00
C LEU A 47 0.88 12.15 -11.42
N GLN A 48 1.97 12.60 -12.04
CA GLN A 48 2.01 12.98 -13.44
C GLN A 48 3.02 12.09 -14.15
N VAL A 49 2.68 11.64 -15.35
CA VAL A 49 3.55 10.79 -16.17
C VAL A 49 4.05 11.57 -17.38
N PHE A 50 5.37 11.51 -17.63
CA PHE A 50 5.96 12.02 -18.85
C PHE A 50 6.53 10.87 -19.66
N LEU A 51 6.06 10.74 -20.90
CA LEU A 51 6.56 9.76 -21.86
C LEU A 51 7.40 10.48 -22.91
N GLY A 52 8.29 9.73 -23.54
CA GLY A 52 9.09 10.29 -24.62
C GLY A 52 10.18 11.25 -24.18
N LYS A 53 10.55 11.24 -22.91
CA LYS A 53 11.57 12.13 -22.38
C LYS A 53 12.96 11.50 -22.44
N HIS A 54 13.97 12.38 -22.55
CA HIS A 54 15.38 11.99 -22.51
C HIS A 54 16.11 12.95 -21.57
N ASN A 55 16.02 14.23 -21.83
CA ASN A 55 16.58 15.25 -20.96
C ASN A 55 15.41 15.88 -20.21
N LEU A 56 15.41 15.78 -18.88
CA LEU A 56 14.23 16.20 -18.12
C LEU A 56 13.93 17.68 -18.27
N GLY A 57 14.96 18.52 -18.28
CA GLY A 57 14.67 19.96 -18.30
C GLY A 57 14.39 20.53 -19.66
N GLN A 58 14.58 19.76 -20.72
CA GLN A 58 14.29 20.26 -22.05
C GLN A 58 12.83 19.99 -22.34
N GLN A 59 12.17 20.92 -23.01
CA GLN A 59 10.84 20.63 -23.51
C GLN A 59 11.09 19.95 -24.85
N GLU A 60 10.76 18.67 -24.93
CA GLU A 60 11.18 17.88 -26.07
C GLU A 60 9.99 17.61 -26.98
N SER A 61 10.22 17.67 -28.29
CA SER A 61 9.13 17.49 -29.25
C SER A 61 8.49 16.12 -29.10
N SER A 62 9.25 15.13 -28.64
CA SER A 62 8.74 13.77 -28.55
C SER A 62 7.94 13.52 -27.29
N GLN A 63 7.93 14.45 -26.33
CA GLN A 63 7.38 14.13 -25.04
C GLN A 63 5.86 14.23 -25.02
N GLU A 64 5.26 13.49 -24.09
CA GLU A 64 3.82 13.60 -23.87
C GLU A 64 3.62 13.59 -22.37
N GLN A 65 2.71 14.44 -21.88
CA GLN A 65 2.43 14.53 -20.46
C GLN A 65 1.03 13.97 -20.23
N SER A 66 0.86 13.21 -19.15
CA SER A 66 -0.47 12.71 -18.85
C SER A 66 -0.67 12.62 -17.35
N SER A 67 -1.83 13.09 -16.89
CA SER A 67 -2.20 12.82 -15.51
CA SER A 67 -2.23 12.83 -15.51
C SER A 67 -2.60 11.37 -15.34
N VAL A 68 -2.39 10.86 -14.15
CA VAL A 68 -2.78 9.51 -13.80
C VAL A 68 -4.18 9.60 -13.22
N VAL A 69 -5.11 8.82 -13.78
CA VAL A 69 -6.48 8.85 -13.28
C VAL A 69 -6.80 7.68 -12.36
N ARG A 70 -5.97 6.64 -12.35
CA ARG A 70 -6.20 5.49 -11.49
C ARG A 70 -4.84 4.89 -11.19
N ALA A 71 -4.58 4.56 -9.92
CA ALA A 71 -3.36 3.90 -9.52
C ALA A 71 -3.77 2.62 -8.81
N VAL A 72 -3.33 1.48 -9.33
CA VAL A 72 -3.77 0.18 -8.84
C VAL A 72 -2.56 -0.45 -8.18
N ILE A 73 -2.53 -0.38 -6.86
CA ILE A 73 -1.48 -1.03 -6.09
C ILE A 73 -1.79 -2.52 -6.02
N HIS A 74 -0.76 -3.34 -6.19
CA HIS A 74 -0.97 -4.77 -6.07
C HIS A 74 -1.62 -5.08 -4.72
N PRO A 75 -2.65 -5.94 -4.69
CA PRO A 75 -3.37 -6.19 -3.43
C PRO A 75 -2.49 -6.79 -2.36
N ASP A 76 -1.42 -7.47 -2.73
CA ASP A 76 -0.52 -8.10 -1.78
C ASP A 76 0.74 -7.31 -1.49
N TYR A 77 0.81 -6.04 -1.93
CA TYR A 77 1.97 -5.24 -1.61
C TYR A 77 2.14 -5.15 -0.09
N ASP A 78 3.34 -5.42 0.39
CA ASP A 78 3.72 -5.29 1.81
C ASP A 78 4.80 -4.22 1.87
N ALA A 79 4.44 -3.00 2.28
CA ALA A 79 5.44 -1.93 2.30
C ALA A 79 6.61 -2.27 3.22
N ALA A 80 6.35 -2.91 4.38
CA ALA A 80 7.44 -3.10 5.34
C ALA A 80 8.53 -4.01 4.78
N SER A 81 8.15 -5.06 4.08
CA SER A 81 9.16 -5.97 3.54
C SER A 81 9.50 -5.66 2.09
N HIS A 82 8.81 -4.70 1.48
CA HIS A 82 8.92 -4.39 0.06
C HIS A 82 8.43 -5.50 -0.85
N ASP A 83 7.73 -6.50 -0.32
CA ASP A 83 7.28 -7.62 -1.15
C ASP A 83 6.12 -7.17 -2.04
N GLN A 84 6.15 -7.59 -3.30
CA GLN A 84 5.09 -7.31 -4.27
C GLN A 84 4.99 -5.82 -4.60
N ASP A 85 6.14 -5.20 -4.86
CA ASP A 85 6.28 -3.76 -5.04
C ASP A 85 5.97 -3.42 -6.49
N ILE A 86 4.68 -3.39 -6.79
CA ILE A 86 4.26 -3.17 -8.18
C ILE A 86 2.91 -2.48 -8.17
N MET A 87 2.72 -1.60 -9.14
CA MET A 87 1.58 -0.69 -9.27
C MET A 87 1.35 -0.39 -10.73
N LEU A 88 0.09 -0.34 -11.11
CA LEU A 88 -0.30 0.04 -12.47
C LEU A 88 -0.93 1.42 -12.45
N LEU A 89 -0.47 2.29 -13.35
CA LEU A 89 -1.00 3.64 -13.48
C LEU A 89 -1.80 3.73 -14.78
N ARG A 90 -3.06 4.08 -14.68
CA ARG A 90 -3.88 4.31 -15.85
C ARG A 90 -3.77 5.77 -16.27
N LEU A 91 -3.39 5.99 -17.54
CA LEU A 91 -3.24 7.31 -18.09
C LEU A 91 -4.60 7.87 -18.46
N ALA A 92 -4.72 9.21 -18.38
CA ALA A 92 -5.98 9.84 -18.72
C ALA A 92 -6.40 9.58 -20.17
N ARG A 93 -5.44 9.39 -21.07
CA ARG A 93 -5.72 9.12 -22.47
C ARG A 93 -4.64 8.19 -23.01
N PRO A 94 -4.94 7.38 -24.03
CA PRO A 94 -3.90 6.51 -24.58
C PRO A 94 -2.75 7.35 -25.11
N ALA A 95 -1.52 6.91 -24.81
CA ALA A 95 -0.34 7.55 -25.34
C ALA A 95 -0.32 7.43 -26.86
N LYS A 96 0.14 8.48 -27.52
CA LYS A 96 0.32 8.51 -28.97
C LYS A 96 1.67 7.87 -29.27
N LEU A 97 1.66 6.63 -29.75
CA LEU A 97 2.92 5.92 -29.95
C LEU A 97 3.70 6.49 -31.13
N SER A 98 5.02 6.37 -31.03
CA SER A 98 5.93 6.93 -32.04
C SER A 98 7.23 6.16 -31.94
N GLU A 99 8.26 6.60 -32.68
CA GLU A 99 9.56 5.96 -32.54
C GLU A 99 10.10 6.12 -31.12
N LEU A 100 9.71 7.19 -30.44
CA LEU A 100 10.26 7.51 -29.14
C LEU A 100 9.31 7.20 -28.00
N ILE A 101 8.11 6.67 -28.29
CA ILE A 101 7.13 6.28 -27.27
C ILE A 101 6.54 4.95 -27.72
N GLN A 102 6.95 3.85 -27.05
CA GLN A 102 6.56 2.49 -27.44
C GLN A 102 6.47 1.67 -26.16
N PRO A 103 5.53 0.74 -26.06
CA PRO A 103 5.51 -0.15 -24.90
C PRO A 103 6.62 -1.18 -24.99
N LEU A 104 6.98 -1.71 -23.83
CA LEU A 104 7.96 -2.77 -23.71
C LEU A 104 7.26 -4.07 -23.35
N PRO A 105 7.48 -5.13 -24.10
CA PRO A 105 6.83 -6.40 -23.75
C PRO A 105 7.35 -6.93 -22.41
N LEU A 106 6.45 -7.58 -21.66
CA LEU A 106 6.78 -8.18 -20.39
C LEU A 106 7.46 -9.52 -20.59
N GLU A 107 8.44 -9.82 -19.76
CA GLU A 107 8.93 -11.18 -19.68
C GLU A 107 7.91 -12.02 -18.94
N ARG A 108 7.39 -13.05 -19.60
CA ARG A 108 6.43 -13.92 -18.95
C ARG A 108 7.06 -15.14 -18.30
N ASP A 109 8.30 -15.44 -18.65
CA ASP A 109 8.98 -16.66 -18.24
C ASP A 109 9.92 -16.32 -17.08
N CYS A 110 9.58 -16.77 -15.88
CA CYS A 110 10.49 -16.54 -14.75
C CYS A 110 11.82 -17.26 -14.92
N SER A 111 11.87 -18.25 -15.82
CA SER A 111 13.08 -19.02 -16.11
C SER A 111 13.79 -18.51 -17.36
N ALA A 112 13.51 -17.29 -17.78
CA ALA A 112 14.09 -16.78 -19.01
C ALA A 112 15.61 -16.88 -18.99
N GLN A 113 16.19 -17.12 -20.15
CA GLN A 113 17.62 -17.43 -20.19
C GLN A 113 18.53 -16.22 -20.24
N THR A 114 18.04 -15.05 -20.64
CA THR A 114 18.90 -13.86 -20.69
C THR A 114 19.17 -13.32 -19.30
N THR A 115 20.46 -13.30 -18.92
CA THR A 115 20.85 -12.85 -17.59
C THR A 115 21.61 -11.54 -17.57
N SER A 116 21.94 -10.97 -18.72
CA SER A 116 22.53 -9.64 -18.78
C SER A 116 21.46 -8.65 -19.21
N CYS A 117 21.39 -7.51 -18.51
CA CYS A 117 20.24 -6.62 -18.61
C CYS A 117 20.67 -5.16 -18.55
N HIS A 118 19.76 -4.28 -18.94
CA HIS A 118 19.98 -2.84 -18.82
C HIS A 118 19.06 -2.28 -17.76
N ILE A 119 19.56 -1.32 -16.99
CA ILE A 119 18.72 -0.51 -16.12
C ILE A 119 18.78 0.92 -16.62
N LEU A 120 17.72 1.67 -16.36
CA LEU A 120 17.57 3.01 -16.89
C LEU A 120 16.85 3.89 -15.88
N GLY A 121 17.23 5.17 -15.86
CA GLY A 121 16.47 6.10 -15.06
C GLY A 121 17.20 7.40 -14.82
N TRP A 122 16.50 8.30 -14.15
CA TRP A 122 16.98 9.62 -13.82
C TRP A 122 17.31 9.74 -12.33
N GLY A 123 17.51 8.60 -11.67
CA GLY A 123 17.83 8.66 -10.25
C GLY A 123 19.25 9.16 -10.02
N LYS A 124 19.57 9.24 -8.73
CA LYS A 124 20.84 9.83 -8.30
C LYS A 124 22.02 9.10 -8.93
N THR A 125 22.99 9.89 -9.39
CA THR A 125 24.20 9.35 -9.98
C THR A 125 25.31 9.32 -8.94
N ALA A 126 26.50 8.87 -9.39
CA ALA A 126 27.61 8.58 -8.48
C ALA A 126 28.15 9.83 -7.83
N ASP A 127 27.95 10.99 -8.44
CA ASP A 127 28.32 12.28 -7.85
C ASP A 127 27.44 12.71 -6.67
N GLY A 128 26.39 11.94 -6.36
CA GLY A 128 25.43 12.29 -5.33
C GLY A 128 24.31 13.22 -5.77
N ASP A 129 24.29 13.61 -7.04
CA ASP A 129 23.33 14.53 -7.61
C ASP A 129 22.37 13.78 -8.55
N PHE A 130 21.36 14.51 -9.03
CA PHE A 130 20.36 13.96 -9.96
C PHE A 130 20.61 14.46 -11.37
N PRO A 131 20.62 13.57 -12.35
CA PRO A 131 21.01 13.92 -13.71
C PRO A 131 19.83 14.49 -14.48
N ASP A 132 20.15 15.35 -15.44
CA ASP A 132 19.15 15.80 -16.38
C ASP A 132 18.91 14.76 -17.47
N THR A 133 19.97 14.14 -17.98
CA THR A 133 19.85 13.15 -19.04
C THR A 133 19.70 11.75 -18.47
N ILE A 134 18.75 10.99 -19.03
CA ILE A 134 18.50 9.63 -18.57
C ILE A 134 19.79 8.81 -18.64
N GLN A 135 20.00 7.99 -17.63
CA GLN A 135 21.19 7.16 -17.49
C GLN A 135 20.85 5.71 -17.75
N CYS A 136 21.87 4.97 -18.19
CA CYS A 136 21.75 3.57 -18.54
C CYS A 136 22.97 2.83 -17.99
N ALA A 137 22.77 1.57 -17.62
CA ALA A 137 23.90 0.72 -17.29
C ALA A 137 23.52 -0.72 -17.56
N TYR A 138 24.53 -1.51 -17.89
CA TYR A 138 24.40 -2.94 -18.13
C TYR A 138 24.85 -3.69 -16.89
N ILE A 139 23.98 -4.55 -16.38
CA ILE A 139 24.25 -5.32 -15.18
C ILE A 139 23.81 -6.76 -15.44
N HIS A 140 23.98 -7.60 -14.42
CA HIS A 140 23.72 -9.01 -14.63
C HIS A 140 22.88 -9.56 -13.48
N LEU A 141 21.99 -10.48 -13.84
CA LEU A 141 21.17 -11.13 -12.82
C LEU A 141 22.03 -11.95 -11.88
N VAL A 142 21.62 -11.98 -10.62
CA VAL A 142 22.24 -12.73 -9.54
C VAL A 142 21.26 -13.82 -9.14
N SER A 143 21.78 -15.01 -8.83
CA SER A 143 20.91 -16.10 -8.42
C SER A 143 20.17 -15.73 -7.12
N ARG A 144 19.02 -16.38 -6.90
CA ARG A 144 18.25 -16.12 -5.69
C ARG A 144 19.04 -16.49 -4.44
N GLU A 145 19.79 -17.58 -4.50
CA GLU A 145 20.59 -18.01 -3.36
C GLU A 145 21.69 -17.01 -3.04
N GLU A 146 22.39 -16.52 -4.07
CA GLU A 146 23.38 -15.47 -3.85
C GLU A 146 22.72 -14.22 -3.26
N CYS A 147 21.54 -13.85 -3.77
CA CYS A 147 20.91 -12.63 -3.28
C CYS A 147 20.34 -12.83 -1.88
N GLU A 148 19.78 -14.00 -1.62
CA GLU A 148 19.34 -14.35 -0.27
C GLU A 148 20.53 -14.28 0.69
N HIS A 149 21.70 -14.70 0.21
CA HIS A 149 22.91 -14.64 1.02
C HIS A 149 23.25 -13.20 1.36
N ALA A 150 22.99 -12.27 0.42
CA ALA A 150 23.28 -10.86 0.62
C ALA A 150 22.27 -10.15 1.53
N TYR A 151 21.00 -10.57 1.51
CA TYR A 151 19.95 -9.91 2.28
C TYR A 151 19.14 -10.99 2.99
N PRO A 152 19.71 -11.60 4.02
CA PRO A 152 19.10 -12.81 4.58
C PRO A 152 17.71 -12.53 5.12
N GLY A 153 16.77 -13.39 4.70
CA GLY A 153 15.39 -13.33 5.12
C GLY A 153 14.56 -12.27 4.43
N GLN A 154 15.13 -11.56 3.45
CA GLN A 154 14.45 -10.42 2.86
C GLN A 154 14.04 -10.61 1.41
N ILE A 155 14.44 -11.73 0.78
CA ILE A 155 14.22 -11.94 -0.63
C ILE A 155 13.08 -12.93 -0.79
N THR A 156 12.11 -12.60 -1.63
CA THR A 156 11.00 -13.48 -1.90
C THR A 156 11.00 -13.87 -3.37
N GLN A 157 10.10 -14.79 -3.72
CA GLN A 157 9.98 -15.18 -5.11
C GLN A 157 9.49 -14.03 -5.98
N ASN A 158 9.01 -12.95 -5.39
CA ASN A 158 8.54 -11.80 -6.14
C ASN A 158 9.63 -10.78 -6.41
N MET A 159 10.87 -11.14 -6.12
CA MET A 159 12.03 -10.28 -6.21
C MET A 159 13.08 -10.97 -7.06
N LEU A 160 13.84 -10.14 -7.78
CA LEU A 160 14.93 -10.56 -8.64
C LEU A 160 16.10 -9.66 -8.33
N CYS A 161 17.31 -10.23 -8.23
CA CYS A 161 18.47 -9.39 -7.96
C CYS A 161 19.40 -9.28 -9.15
N ALA A 162 20.09 -8.13 -9.21
CA ALA A 162 20.99 -7.88 -10.33
C ALA A 162 22.03 -6.84 -9.91
N GLY A 163 23.23 -6.98 -10.45
CA GLY A 163 24.28 -6.03 -10.13
C GLY A 163 25.50 -6.23 -10.98
N ASP A 164 26.60 -5.63 -10.53
CA ASP A 164 27.82 -5.57 -11.33
C ASP A 164 28.99 -5.61 -10.36
N GLU A 165 29.68 -6.75 -10.31
CA GLU A 165 30.74 -6.93 -9.33
C GLU A 165 31.97 -6.10 -9.66
N LYS A 166 32.11 -5.66 -10.90
CA LYS A 166 33.33 -4.96 -11.30
C LYS A 166 33.28 -3.48 -10.91
N TYR A 167 32.22 -2.77 -11.33
CA TYR A 167 32.14 -1.34 -11.07
C TYR A 167 31.03 -0.98 -10.11
N GLY A 168 30.19 -1.93 -9.74
CA GLY A 168 29.08 -1.62 -8.84
C GLY A 168 27.93 -0.87 -9.48
N LYS A 169 27.79 -0.87 -10.81
CA LYS A 169 26.65 -0.24 -11.45
C LYS A 169 25.36 -0.69 -10.78
N ASP A 170 24.48 0.26 -10.51
CA ASP A 170 23.34 -0.05 -9.64
C ASP A 170 22.31 1.05 -9.81
N SER A 171 21.06 0.72 -9.51
CA SER A 171 20.04 1.75 -9.46
C SER A 171 20.20 2.54 -8.15
N CYS A 172 19.45 3.64 -8.05
CA CYS A 172 19.60 4.49 -6.88
C CYS A 172 18.31 5.26 -6.67
N GLN A 173 18.32 6.16 -5.69
CA GLN A 173 17.13 6.94 -5.36
C GLN A 173 16.60 7.70 -6.57
N GLY A 174 15.31 7.53 -6.84
CA GLY A 174 14.68 8.16 -7.99
C GLY A 174 14.55 7.25 -9.19
N ASP A 175 15.23 6.11 -9.16
CA ASP A 175 15.09 5.14 -10.24
C ASP A 175 13.94 4.19 -10.00
N SER A 176 13.42 4.15 -8.78
CA SER A 176 12.36 3.20 -8.41
C SER A 176 11.26 3.17 -9.44
N GLY A 177 10.79 1.95 -9.72
CA GLY A 177 9.73 1.74 -10.67
C GLY A 177 10.18 1.71 -12.10
N GLY A 178 11.42 2.07 -12.40
CA GLY A 178 11.95 1.97 -13.74
C GLY A 178 12.34 0.55 -14.09
N PRO A 179 12.72 0.35 -15.36
CA PRO A 179 12.86 -0.99 -15.92
C PRO A 179 14.22 -1.63 -15.72
N LEU A 180 14.17 -2.94 -15.49
CA LEU A 180 15.30 -3.85 -15.69
C LEU A 180 14.92 -4.62 -16.94
N VAL A 181 15.66 -4.39 -18.03
CA VAL A 181 15.33 -4.89 -19.36
C VAL A 181 16.31 -5.99 -19.70
N CYS A 182 15.82 -7.19 -19.95
CA CYS A 182 16.73 -8.30 -20.26
C CYS A 182 16.19 -8.99 -21.49
N GLY A 183 17.05 -9.14 -22.50
CA GLY A 183 16.59 -9.77 -23.73
C GLY A 183 15.42 -9.04 -24.35
N ASP A 184 15.42 -7.71 -24.29
CA ASP A 184 14.41 -6.86 -24.89
C ASP A 184 13.02 -7.08 -24.30
N HIS A 185 12.95 -7.59 -23.09
CA HIS A 185 11.69 -7.74 -22.36
C HIS A 185 11.84 -7.13 -20.99
N LEU A 186 10.72 -6.68 -20.42
CA LEU A 186 10.72 -6.13 -19.06
C LEU A 186 10.82 -7.28 -18.08
N ARG A 187 11.94 -7.34 -17.36
CA ARG A 187 12.16 -8.42 -16.42
C ARG A 187 11.95 -7.99 -14.98
N GLY A 188 12.19 -6.71 -14.69
CA GLY A 188 12.13 -6.26 -13.31
C GLY A 188 11.77 -4.79 -13.28
N LEU A 189 11.43 -4.35 -12.06
CA LEU A 189 11.25 -2.92 -11.76
C LEU A 189 12.15 -2.57 -10.62
N VAL A 190 12.86 -1.43 -10.73
CA VAL A 190 13.70 -0.98 -9.61
C VAL A 190 12.85 -0.91 -8.34
N SER A 191 13.32 -1.54 -7.25
CA SER A 191 12.55 -1.59 -6.02
C SER A 191 13.39 -1.13 -4.84
N TRP A 192 14.47 -1.85 -4.54
CA TRP A 192 15.30 -1.47 -3.40
C TRP A 192 16.70 -2.03 -3.60
N GLY A 193 17.57 -1.76 -2.64
CA GLY A 193 18.93 -2.18 -2.80
C GLY A 193 19.79 -1.59 -1.70
N ASN A 194 21.10 -1.69 -1.89
CA ASN A 194 21.98 -1.26 -0.81
C ASN A 194 21.97 0.26 -0.62
N ILE A 195 22.36 0.68 0.59
CA ILE A 195 22.66 2.07 0.88
C ILE A 195 24.09 2.05 1.42
N PRO A 196 25.05 2.76 0.80
CA PRO A 196 24.83 3.60 -0.39
C PRO A 196 24.59 2.77 -1.63
N CYS A 197 24.09 3.40 -2.69
CA CYS A 197 23.90 2.67 -3.92
C CYS A 197 25.25 2.19 -4.45
N GLY A 198 25.23 1.05 -5.14
CA GLY A 198 26.46 0.42 -5.61
C GLY A 198 26.39 -1.06 -5.36
N SER A 199 26.61 -1.88 -6.40
CA SER A 199 26.31 -3.32 -6.31
C SER A 199 27.57 -4.20 -6.30
N LYS A 200 28.73 -3.67 -5.91
CA LYS A 200 29.93 -4.51 -5.90
C LYS A 200 29.78 -5.68 -4.94
N GLU A 201 29.15 -5.46 -3.78
CA GLU A 201 28.98 -6.49 -2.75
C GLU A 201 27.55 -6.99 -2.61
N LYS A 202 26.54 -6.10 -2.63
CA LYS A 202 25.16 -6.50 -2.50
C LYS A 202 24.40 -6.07 -3.74
N PRO A 203 23.63 -6.95 -4.36
CA PRO A 203 22.95 -6.57 -5.60
C PRO A 203 21.74 -5.69 -5.36
N GLY A 204 21.34 -5.02 -6.43
CA GLY A 204 20.05 -4.35 -6.42
C GLY A 204 18.92 -5.36 -6.48
N VAL A 205 17.78 -4.97 -5.90
CA VAL A 205 16.62 -5.84 -5.80
C VAL A 205 15.50 -5.24 -6.64
N TYR A 206 14.90 -6.07 -7.48
CA TYR A 206 13.92 -5.64 -8.47
C TYR A 206 12.65 -6.45 -8.30
N THR A 207 11.51 -5.81 -8.53
CA THR A 207 10.26 -6.59 -8.57
C THR A 207 10.28 -7.54 -9.76
N ASN A 208 9.89 -8.81 -9.50
CA ASN A 208 10.00 -9.91 -10.46
C ASN A 208 8.75 -9.88 -11.35
N VAL A 209 8.85 -9.16 -12.46
CA VAL A 209 7.69 -8.86 -13.29
C VAL A 209 6.99 -10.11 -13.80
N CYS A 210 7.74 -11.18 -14.05
CA CYS A 210 7.15 -12.41 -14.58
C CYS A 210 6.09 -12.99 -13.65
N ARG A 211 6.14 -12.65 -12.36
CA ARG A 211 5.15 -13.14 -11.41
C ARG A 211 3.79 -12.46 -11.56
N TYR A 212 3.72 -11.38 -12.35
CA TYR A 212 2.54 -10.51 -12.32
C TYR A 212 1.77 -10.51 -13.62
N THR A 213 2.07 -11.44 -14.53
CA THR A 213 1.44 -11.45 -15.85
C THR A 213 -0.08 -11.52 -15.73
N ASN A 214 -0.58 -12.43 -14.89
CA ASN A 214 -2.01 -12.59 -14.74
C ASN A 214 -2.65 -11.32 -14.20
N TRP A 215 -2.11 -10.80 -13.10
CA TRP A 215 -2.69 -9.62 -12.47
C TRP A 215 -2.66 -8.42 -13.41
N ILE A 216 -1.56 -8.24 -14.15
CA ILE A 216 -1.47 -7.13 -15.09
C ILE A 216 -2.55 -7.27 -16.16
N GLN A 217 -2.67 -8.48 -16.72
CA GLN A 217 -3.67 -8.67 -17.77
C GLN A 217 -5.07 -8.44 -17.23
N LYS A 218 -5.35 -8.95 -16.03
CA LYS A 218 -6.69 -8.81 -15.46
C LYS A 218 -7.01 -7.34 -15.16
N THR A 219 -6.01 -6.58 -14.71
CA THR A 219 -6.26 -5.18 -14.40
C THR A 219 -6.48 -4.38 -15.68
N ILE A 220 -5.72 -4.68 -16.72
CA ILE A 220 -5.83 -3.93 -17.96
C ILE A 220 -7.14 -4.24 -18.66
N GLN A 221 -7.61 -5.49 -18.57
CA GLN A 221 -8.83 -5.82 -19.33
C GLN A 221 -10.10 -5.72 -18.49
N ALA A 222 -10.00 -5.26 -17.24
CA ALA A 222 -11.18 -5.07 -16.40
C ALA A 222 -12.07 -4.00 -17.02
N LEU B 1 -1.63 3.95 11.88
CA LEU B 1 -1.01 2.62 12.02
C LEU B 1 0.43 2.67 11.55
N VAL B 2 1.29 1.85 12.15
CA VAL B 2 2.73 1.97 11.95
C VAL B 2 3.23 0.87 11.03
N HIS B 3 4.16 1.25 10.14
CA HIS B 3 4.90 0.33 9.28
C HIS B 3 4.04 -0.24 8.16
N GLY B 4 3.00 0.49 7.78
CA GLY B 4 2.18 0.18 6.64
C GLY B 4 2.49 1.04 5.43
N GLY B 5 1.51 1.17 4.55
CA GLY B 5 1.63 2.04 3.42
C GLY B 5 0.24 2.44 2.97
N PRO B 6 0.14 3.36 2.02
CA PRO B 6 -1.18 3.79 1.56
C PRO B 6 -1.97 2.64 0.96
N CYS B 7 -3.25 2.55 1.34
CA CYS B 7 -4.08 1.52 0.77
C CYS B 7 -4.37 1.86 -0.68
N ASP B 8 -4.69 0.84 -1.46
CA ASP B 8 -5.28 1.09 -2.76
C ASP B 8 -6.64 1.77 -2.59
N LYS B 9 -6.93 2.75 -3.45
CA LYS B 9 -8.13 3.57 -3.34
C LYS B 9 -9.42 2.75 -3.25
N THR B 10 -9.47 1.59 -3.92
CA THR B 10 -10.70 0.81 -3.98
C THR B 10 -10.74 -0.30 -2.95
N SER B 11 -9.76 -0.40 -2.07
CA SER B 11 -9.59 -1.56 -1.21
CA SER B 11 -9.61 -1.57 -1.21
C SER B 11 -10.29 -1.43 0.13
N HIS B 12 -10.91 -0.29 0.42
CA HIS B 12 -11.46 -0.09 1.75
C HIS B 12 -12.83 0.58 1.74
N PRO B 13 -13.80 0.09 0.96
CA PRO B 13 -15.05 0.84 0.79
C PRO B 13 -15.89 0.84 2.04
N TYR B 14 -15.54 -0.01 3.01
CA TYR B 14 -16.25 -0.09 4.29
C TYR B 14 -15.67 0.84 5.36
N GLN B 15 -14.56 1.51 5.08
CA GLN B 15 -13.91 2.29 6.12
C GLN B 15 -14.67 3.60 6.35
N ALA B 16 -14.87 3.92 7.62
CA ALA B 16 -15.49 5.19 8.00
C ALA B 16 -14.45 6.00 8.72
N ALA B 17 -14.54 7.32 8.61
CA ALA B 17 -13.76 8.23 9.44
C ALA B 17 -14.74 8.93 10.36
N LEU B 18 -14.42 8.94 11.67
CA LEU B 18 -15.28 9.57 12.66
C LEU B 18 -14.64 10.85 13.15
N TYR B 19 -15.39 11.94 13.07
CA TYR B 19 -14.91 13.26 13.47
C TYR B 19 -15.77 13.80 14.60
N THR B 20 -15.16 14.59 15.46
CA THR B 20 -15.91 15.34 16.46
C THR B 20 -15.33 16.74 16.52
N SER B 21 -16.21 17.75 16.51
CA SER B 21 -15.79 19.14 16.53
C SER B 21 -14.73 19.42 15.47
N GLY B 22 -14.86 18.76 14.31
CA GLY B 22 -13.97 19.00 13.20
C GLY B 22 -12.63 18.29 13.25
N HIS B 23 -12.39 17.40 14.21
CA HIS B 23 -11.11 16.70 14.29
C HIS B 23 -11.33 15.20 14.18
N LEU B 24 -10.43 14.54 13.43
CA LEU B 24 -10.43 13.09 13.34
C LEU B 24 -10.34 12.51 14.74
N LEU B 25 -11.26 11.60 15.06
CA LEU B 25 -11.26 10.93 16.36
C LEU B 25 -10.94 9.45 16.25
N CYS B 26 -11.58 8.76 15.32
CA CYS B 26 -11.52 7.31 15.25
C CYS B 26 -11.80 6.84 13.83
N GLY B 27 -11.53 5.56 13.60
CA GLY B 27 -12.06 4.88 12.46
C GLY B 27 -13.34 4.17 12.82
N GLY B 28 -13.93 3.55 11.80
CA GLY B 28 -15.15 2.77 11.98
C GLY B 28 -15.36 1.93 10.73
N VAL B 29 -16.37 1.06 10.81
CA VAL B 29 -16.64 0.10 9.74
C VAL B 29 -18.11 0.17 9.35
N LEU B 30 -18.39 0.43 8.08
CA LEU B 30 -19.76 0.33 7.60
C LEU B 30 -20.15 -1.13 7.51
N ILE B 31 -21.18 -1.53 8.26
CA ILE B 31 -21.64 -2.91 8.24
C ILE B 31 -23.06 -3.06 7.72
N HIS B 32 -23.73 -1.95 7.47
CA HIS B 32 -25.10 -1.89 6.96
C HIS B 32 -25.28 -0.47 6.45
N PRO B 33 -26.12 -0.25 5.44
CA PRO B 33 -26.25 1.13 4.91
C PRO B 33 -26.57 2.18 5.95
N LEU B 34 -27.15 1.77 7.07
CA LEU B 34 -27.53 2.69 8.11
C LEU B 34 -26.63 2.63 9.34
N TRP B 35 -25.63 1.74 9.38
CA TRP B 35 -24.92 1.49 10.63
C TRP B 35 -23.42 1.37 10.48
N VAL B 36 -22.69 2.08 11.33
CA VAL B 36 -21.24 2.01 11.41
C VAL B 36 -20.87 1.41 12.76
N LEU B 37 -20.02 0.39 12.73
CA LEU B 37 -19.47 -0.19 13.95
C LEU B 37 -18.15 0.49 14.31
N THR B 38 -17.96 0.74 15.59
CA THR B 38 -16.73 1.38 16.02
C THR B 38 -16.46 0.95 17.46
N ALA B 39 -15.42 1.52 18.05
CA ALA B 39 -15.10 1.25 19.44
C ALA B 39 -15.98 2.10 20.35
N ALA B 40 -16.40 1.52 21.47
CA ALA B 40 -17.19 2.29 22.44
C ALA B 40 -16.42 3.49 22.97
N HIS B 41 -15.11 3.37 23.09
CA HIS B 41 -14.36 4.50 23.62
C HIS B 41 -14.32 5.68 22.66
N CYS B 42 -14.80 5.52 21.42
CA CYS B 42 -14.92 6.61 20.46
C CYS B 42 -16.18 7.46 20.65
N LYS B 43 -17.00 7.14 21.64
CA LYS B 43 -18.28 7.83 21.81
C LYS B 43 -18.10 9.32 22.05
N LYS B 44 -18.83 10.13 21.28
CA LYS B 44 -19.04 11.56 21.51
C LYS B 44 -20.46 11.86 21.10
N PRO B 45 -21.08 12.90 21.65
CA PRO B 45 -22.48 13.22 21.27
C PRO B 45 -22.65 13.89 19.92
N ASN B 46 -21.56 14.35 19.28
CA ASN B 46 -21.67 15.10 18.03
C ASN B 46 -20.91 14.42 16.89
N LEU B 47 -20.87 13.09 16.86
CA LEU B 47 -20.05 12.42 15.86
C LEU B 47 -20.52 12.70 14.44
N GLN B 48 -19.55 12.94 13.57
CA GLN B 48 -19.79 13.06 12.15
C GLN B 48 -19.07 11.88 11.51
N VAL B 49 -19.76 11.19 10.62
CA VAL B 49 -19.22 10.03 9.94
C VAL B 49 -18.94 10.42 8.50
N PHE B 50 -17.72 10.16 8.05
CA PHE B 50 -17.34 10.33 6.66
C PHE B 50 -17.13 8.96 6.03
N LEU B 51 -17.89 8.70 4.97
CA LEU B 51 -17.78 7.49 4.17
C LEU B 51 -17.18 7.86 2.82
N GLY B 52 -16.58 6.86 2.18
CA GLY B 52 -16.00 7.10 0.88
C GLY B 52 -14.73 7.93 0.89
N LYS B 53 -14.06 8.06 2.04
CA LYS B 53 -12.83 8.81 2.12
C LYS B 53 -11.61 7.94 1.92
N HIS B 54 -10.57 8.56 1.36
CA HIS B 54 -9.29 7.90 1.14
C HIS B 54 -8.19 8.85 1.60
N ASN B 55 -8.18 10.04 1.03
CA ASN B 55 -7.23 11.06 1.37
C ASN B 55 -7.99 12.15 2.13
N LEU B 56 -7.68 12.29 3.43
CA LEU B 56 -8.37 13.27 4.27
C LEU B 56 -8.06 14.70 3.84
N GLY B 57 -6.97 14.91 3.10
CA GLY B 57 -6.50 16.22 2.72
C GLY B 57 -7.20 16.85 1.53
N GLN B 58 -8.13 16.14 0.89
CA GLN B 58 -8.79 16.72 -0.27
C GLN B 58 -10.24 16.22 -0.35
N GLN B 59 -11.06 16.99 -1.03
CA GLN B 59 -12.42 16.54 -1.31
C GLN B 59 -12.37 15.45 -2.38
N GLU B 60 -13.11 14.38 -2.12
CA GLU B 60 -13.08 13.21 -2.99
C GLU B 60 -14.44 12.98 -3.66
N SER B 61 -14.41 12.39 -4.86
CA SER B 61 -15.65 12.24 -5.64
C SER B 61 -16.72 11.43 -4.91
N SER B 62 -16.32 10.39 -4.19
CA SER B 62 -17.27 9.46 -3.61
C SER B 62 -17.71 9.80 -2.19
N GLN B 63 -17.14 10.83 -1.56
CA GLN B 63 -17.31 10.94 -0.13
C GLN B 63 -18.71 11.41 0.23
N GLU B 64 -19.15 11.00 1.41
CA GLU B 64 -20.41 11.41 2.01
C GLU B 64 -20.19 11.66 3.50
N GLN B 65 -20.84 12.69 4.04
CA GLN B 65 -20.80 13.00 5.45
C GLN B 65 -22.20 12.81 6.04
N SER B 66 -22.28 12.26 7.25
CA SER B 66 -23.55 12.08 7.91
C SER B 66 -23.39 12.26 9.42
N SER B 67 -24.40 12.86 10.05
CA SER B 67 -24.43 12.89 11.50
CA SER B 67 -24.43 12.88 11.50
C SER B 67 -24.86 11.53 12.04
N VAL B 68 -24.48 11.24 13.27
CA VAL B 68 -24.93 10.06 13.97
C VAL B 68 -26.16 10.48 14.78
N VAL B 69 -27.26 9.75 14.60
CA VAL B 69 -28.47 10.05 15.35
C VAL B 69 -28.69 9.13 16.54
N ARG B 70 -27.98 8.00 16.60
CA ARG B 70 -28.07 7.10 17.74
C ARG B 70 -26.72 6.42 17.86
N ALA B 71 -26.18 6.39 19.07
CA ALA B 71 -24.93 5.69 19.33
C ALA B 71 -25.21 4.68 20.42
N VAL B 72 -25.08 3.40 20.10
CA VAL B 72 -25.48 2.33 21.00
C VAL B 72 -24.21 1.64 21.48
N ILE B 73 -23.81 1.93 22.70
CA ILE B 73 -22.68 1.24 23.32
C ILE B 73 -23.11 -0.11 23.83
N HIS B 74 -22.25 -1.10 23.67
CA HIS B 74 -22.58 -2.40 24.23
C HIS B 74 -22.86 -2.26 25.73
N PRO B 75 -23.93 -2.88 26.22
CA PRO B 75 -24.32 -2.68 27.63
C PRO B 75 -23.27 -3.14 28.62
N ASP B 76 -22.39 -4.07 28.24
CA ASP B 76 -21.36 -4.57 29.13
C ASP B 76 -20.02 -3.88 28.95
N TYR B 77 -19.97 -2.79 28.19
CA TYR B 77 -18.71 -2.08 27.99
C TYR B 77 -18.17 -1.60 29.33
N ASP B 78 -16.89 -1.88 29.58
CA ASP B 78 -16.17 -1.45 30.77
C ASP B 78 -14.96 -0.64 30.32
N ALA B 79 -15.06 0.70 30.40
CA ALA B 79 -13.98 1.54 29.91
C ALA B 79 -12.65 1.24 30.61
N ALA B 80 -12.69 0.94 31.93
CA ALA B 80 -11.46 0.78 32.68
C ALA B 80 -10.65 -0.41 32.18
N SER B 81 -11.32 -1.52 31.87
CA SER B 81 -10.62 -2.70 31.39
C SER B 81 -10.59 -2.82 29.87
N HIS B 82 -11.29 -1.91 29.17
CA HIS B 82 -11.52 -1.96 27.72
C HIS B 82 -12.35 -3.16 27.27
N ASP B 83 -12.99 -3.84 28.20
CA ASP B 83 -13.75 -5.02 27.84
C ASP B 83 -15.04 -4.62 27.13
N GLN B 84 -15.35 -5.35 26.04
CA GLN B 84 -16.57 -5.15 25.27
C GLN B 84 -16.62 -3.77 24.63
N ASP B 85 -15.50 -3.40 24.02
CA ASP B 85 -15.27 -2.07 23.46
C ASP B 85 -15.87 -2.01 22.06
N ILE B 86 -17.19 -1.87 22.00
CA ILE B 86 -17.91 -1.91 20.73
C ILE B 86 -19.16 -1.05 20.83
N MET B 87 -19.48 -0.36 19.73
CA MET B 87 -20.57 0.59 19.70
C MET B 87 -21.11 0.63 18.27
N LEU B 88 -22.43 0.76 18.14
CA LEU B 88 -23.11 0.89 16.85
C LEU B 88 -23.57 2.33 16.67
N LEU B 89 -23.28 2.90 15.52
CA LEU B 89 -23.66 4.27 15.18
C LEU B 89 -24.73 4.18 14.10
N ARG B 90 -25.89 4.74 14.37
CA ARG B 90 -26.97 4.83 13.38
C ARG B 90 -26.79 6.14 12.61
N LEU B 91 -26.67 6.03 11.30
CA LEU B 91 -26.45 7.18 10.44
C LEU B 91 -27.76 7.93 10.19
N ALA B 92 -27.64 9.25 10.02
CA ALA B 92 -28.82 10.06 9.74
C ALA B 92 -29.48 9.69 8.41
N ARG B 93 -28.72 9.25 7.43
CA ARG B 93 -29.30 8.84 6.16
C ARG B 93 -28.54 7.61 5.70
N PRO B 94 -29.18 6.73 4.94
CA PRO B 94 -28.45 5.56 4.43
C PRO B 94 -27.29 5.97 3.56
N ALA B 95 -26.19 5.24 3.73
CA ALA B 95 -25.05 5.44 2.87
C ALA B 95 -25.47 5.17 1.44
N LYS B 96 -24.98 6.00 0.51
CA LYS B 96 -25.21 5.73 -0.90
C LYS B 96 -24.11 4.79 -1.40
N LEU B 97 -24.48 3.51 -1.54
CA LEU B 97 -23.51 2.49 -1.87
C LEU B 97 -23.00 2.69 -3.29
N SER B 98 -21.75 2.37 -3.50
CA SER B 98 -21.05 2.58 -4.77
C SER B 98 -19.78 1.76 -4.71
N GLU B 99 -18.91 1.92 -5.70
CA GLU B 99 -17.64 1.20 -5.66
C GLU B 99 -16.85 1.52 -4.41
N LEU B 100 -16.97 2.75 -3.92
CA LEU B 100 -16.12 3.22 -2.84
C LEU B 100 -16.85 3.29 -1.51
N ILE B 101 -18.12 2.87 -1.45
CA ILE B 101 -18.88 2.81 -0.19
C ILE B 101 -19.64 1.50 -0.18
N GLN B 102 -19.19 0.55 0.63
CA GLN B 102 -19.82 -0.77 0.69
C GLN B 102 -19.70 -1.33 2.10
N PRO B 103 -20.71 -2.05 2.60
CA PRO B 103 -20.58 -2.66 3.92
C PRO B 103 -19.65 -3.85 3.87
N LEU B 104 -19.09 -4.16 5.03
CA LEU B 104 -18.22 -5.31 5.21
C LEU B 104 -18.98 -6.34 6.03
N PRO B 105 -19.09 -7.58 5.56
CA PRO B 105 -19.78 -8.62 6.35
C PRO B 105 -19.00 -8.97 7.61
N LEU B 106 -19.74 -9.35 8.66
CA LEU B 106 -19.14 -9.74 9.92
C LEU B 106 -18.64 -11.18 9.86
N GLU B 107 -17.52 -11.44 10.54
CA GLU B 107 -17.14 -12.82 10.84
C GLU B 107 -18.04 -13.35 11.93
N ARG B 108 -18.75 -14.42 11.62
CA ARG B 108 -19.69 -14.98 12.58
C ARG B 108 -19.06 -16.10 13.41
N ASP B 109 -17.95 -16.66 12.95
CA ASP B 109 -17.41 -17.86 13.58
C ASP B 109 -16.14 -17.46 14.33
N CYS B 110 -16.21 -17.46 15.66
CA CYS B 110 -15.03 -17.14 16.44
C CYS B 110 -13.88 -18.11 16.23
N SER B 111 -14.15 -19.28 15.65
CA SER B 111 -13.13 -20.26 15.38
C SER B 111 -12.64 -20.18 13.96
N ALA B 112 -12.95 -19.09 13.25
CA ALA B 112 -12.51 -18.97 11.87
C ALA B 112 -10.99 -19.07 11.82
N GLN B 113 -10.50 -19.81 10.85
CA GLN B 113 -9.10 -20.22 10.78
C GLN B 113 -8.21 -19.23 10.05
N THR B 114 -8.79 -18.28 9.31
CA THR B 114 -7.96 -17.34 8.57
C THR B 114 -7.26 -16.43 9.57
N THR B 115 -5.96 -16.56 9.65
CA THR B 115 -5.17 -15.80 10.60
C THR B 115 -4.39 -14.70 9.92
N SER B 116 -4.42 -14.64 8.59
CA SER B 116 -3.75 -13.57 7.86
C SER B 116 -4.79 -12.49 7.61
N CYS B 117 -4.49 -11.28 8.06
CA CYS B 117 -5.46 -10.20 8.16
C CYS B 117 -4.83 -8.88 7.79
N HIS B 118 -5.68 -7.88 7.60
CA HIS B 118 -5.21 -6.51 7.41
C HIS B 118 -5.93 -5.52 8.32
N ILE B 119 -5.18 -4.47 8.69
CA ILE B 119 -5.72 -3.34 9.42
C ILE B 119 -5.59 -2.10 8.55
N LEU B 120 -6.42 -1.10 8.86
CA LEU B 120 -6.48 0.13 8.08
C LEU B 120 -6.81 1.31 8.99
N GLY B 121 -6.30 2.48 8.64
CA GLY B 121 -6.75 3.68 9.33
C GLY B 121 -5.87 4.88 9.07
N TRP B 122 -6.34 6.00 9.62
CA TRP B 122 -5.67 7.27 9.51
C TRP B 122 -4.93 7.66 10.79
N GLY B 123 -4.62 6.69 11.66
CA GLY B 123 -3.92 6.96 12.90
C GLY B 123 -2.43 7.24 12.68
N LYS B 124 -1.75 7.49 13.79
CA LYS B 124 -0.34 7.89 13.76
C LYS B 124 0.51 6.84 13.05
N THR B 125 1.47 7.32 12.24
CA THR B 125 2.40 6.45 11.56
C THR B 125 3.69 6.37 12.39
N ALA B 126 4.69 5.65 11.85
CA ALA B 126 5.84 5.29 12.67
C ALA B 126 6.64 6.50 13.10
N ASP B 127 6.63 7.57 12.29
CA ASP B 127 7.29 8.83 12.61
C ASP B 127 6.52 9.68 13.62
N GLY B 128 5.34 9.26 14.04
CA GLY B 128 4.52 10.07 14.91
C GLY B 128 3.59 11.06 14.24
N ASP B 129 3.58 11.13 12.92
CA ASP B 129 2.67 12.06 12.28
C ASP B 129 1.38 11.35 11.88
N PHE B 130 0.38 12.15 11.56
CA PHE B 130 -0.90 11.65 11.10
C PHE B 130 -0.98 11.82 9.61
N PRO B 131 -1.30 10.74 8.90
CA PRO B 131 -1.26 10.77 7.43
C PRO B 131 -2.54 11.28 6.83
N ASP B 132 -2.41 11.88 5.65
CA ASP B 132 -3.58 12.25 4.88
C ASP B 132 -4.22 11.03 4.25
N THR B 133 -3.42 10.14 3.66
CA THR B 133 -3.94 8.97 2.98
C THR B 133 -4.03 7.79 3.94
N ILE B 134 -5.17 7.09 3.88
CA ILE B 134 -5.39 5.94 4.73
C ILE B 134 -4.29 4.91 4.54
N GLN B 135 -3.83 4.33 5.64
CA GLN B 135 -2.78 3.33 5.62
C GLN B 135 -3.35 1.94 5.83
N CYS B 136 -2.63 0.95 5.31
CA CYS B 136 -3.02 -0.44 5.34
C CYS B 136 -1.79 -1.25 5.73
N ALA B 137 -1.99 -2.34 6.44
CA ALA B 137 -0.90 -3.27 6.70
C ALA B 137 -1.46 -4.65 6.92
N TYR B 138 -0.67 -5.65 6.57
CA TYR B 138 -1.01 -7.05 6.79
C TYR B 138 -0.39 -7.49 8.12
N ILE B 139 -1.21 -8.09 8.97
CA ILE B 139 -0.77 -8.64 10.25
C ILE B 139 -1.45 -9.99 10.44
N HIS B 140 -1.13 -10.67 11.55
CA HIS B 140 -1.71 -11.99 11.73
C HIS B 140 -2.27 -12.11 13.13
N LEU B 141 -3.30 -12.92 13.25
CA LEU B 141 -3.87 -13.18 14.55
C LEU B 141 -2.84 -13.84 15.46
N VAL B 142 -2.93 -13.52 16.75
CA VAL B 142 -2.06 -14.05 17.78
C VAL B 142 -2.91 -14.91 18.72
N SER B 143 -2.35 -16.03 19.15
CA SER B 143 -3.09 -16.93 20.03
C SER B 143 -3.46 -16.25 21.35
N ARG B 144 -4.49 -16.79 21.99
CA ARG B 144 -4.92 -16.26 23.28
C ARG B 144 -3.82 -16.39 24.31
N GLU B 145 -3.10 -17.51 24.28
CA GLU B 145 -2.03 -17.71 25.26
C GLU B 145 -0.92 -16.69 25.07
N GLU B 146 -0.50 -16.46 23.82
CA GLU B 146 0.51 -15.44 23.59
C GLU B 146 0.02 -14.07 24.04
N CYS B 147 -1.24 -13.75 23.77
CA CYS B 147 -1.69 -12.42 24.12
C CYS B 147 -1.83 -12.27 25.63
N GLU B 148 -2.33 -13.31 26.31
CA GLU B 148 -2.35 -13.30 27.78
C GLU B 148 -0.95 -13.17 28.37
N HIS B 149 0.04 -13.80 27.75
CA HIS B 149 1.40 -13.65 28.21
C HIS B 149 1.90 -12.23 28.06
N ALA B 150 1.51 -11.57 26.97
CA ALA B 150 2.00 -10.21 26.73
C ALA B 150 1.35 -9.19 27.65
N TYR B 151 0.10 -9.43 28.05
CA TYR B 151 -0.68 -8.49 28.85
C TYR B 151 -1.30 -9.27 30.00
N PRO B 152 -0.49 -9.66 30.98
CA PRO B 152 -0.96 -10.61 32.01
C PRO B 152 -2.14 -10.04 32.79
N GLY B 153 -3.20 -10.83 32.87
CA GLY B 153 -4.36 -10.41 33.63
C GLY B 153 -5.22 -9.35 32.97
N GLN B 154 -4.96 -8.98 31.72
CA GLN B 154 -5.66 -7.88 31.07
C GLN B 154 -6.53 -8.30 29.88
N ILE B 155 -6.47 -9.54 29.44
CA ILE B 155 -7.13 -9.96 28.21
C ILE B 155 -8.38 -10.74 28.57
N THR B 156 -9.48 -10.45 27.89
CA THR B 156 -10.72 -11.20 28.07
C THR B 156 -11.05 -11.92 26.76
N GLN B 157 -12.08 -12.79 26.84
CA GLN B 157 -12.56 -13.50 25.65
C GLN B 157 -13.17 -12.56 24.61
N ASN B 158 -13.44 -11.32 24.99
CA ASN B 158 -14.01 -10.33 24.09
C ASN B 158 -12.95 -9.55 23.35
N MET B 159 -11.71 -9.99 23.45
CA MET B 159 -10.58 -9.32 22.86
C MET B 159 -9.87 -10.33 22.00
N LEU B 160 -9.28 -9.85 20.91
CA LEU B 160 -8.55 -10.65 19.95
C LEU B 160 -7.25 -9.91 19.68
N CYS B 161 -6.15 -10.64 19.68
CA CYS B 161 -4.87 -10.00 19.47
C CYS B 161 -4.30 -10.31 18.11
N ALA B 162 -3.56 -9.34 17.57
CA ALA B 162 -3.01 -9.47 16.23
C ALA B 162 -1.78 -8.60 16.11
N GLY B 163 -0.82 -9.05 15.31
CA GLY B 163 0.39 -8.29 15.16
C GLY B 163 1.34 -8.91 14.15
N ASP B 164 2.58 -8.44 14.22
CA ASP B 164 3.60 -8.84 13.26
C ASP B 164 4.96 -8.84 13.94
N GLU B 165 5.52 -10.03 14.18
CA GLU B 165 6.76 -10.14 14.96
C GLU B 165 7.98 -9.68 14.19
N LYS B 166 7.89 -9.61 12.86
CA LYS B 166 9.05 -9.27 12.04
C LYS B 166 9.27 -7.77 12.00
N TYR B 167 8.24 -7.00 11.64
CA TYR B 167 8.39 -5.57 11.49
C TYR B 167 7.61 -4.79 12.52
N GLY B 168 6.73 -5.45 13.26
CA GLY B 168 5.92 -4.74 14.22
C GLY B 168 4.78 -3.95 13.63
N LYS B 169 4.32 -4.27 12.42
CA LYS B 169 3.12 -3.60 11.90
C LYS B 169 2.01 -3.60 12.94
N ASP B 170 1.34 -2.47 13.10
CA ASP B 170 0.46 -2.34 14.25
C ASP B 170 -0.46 -1.15 14.04
N SER B 171 -1.61 -1.18 14.71
CA SER B 171 -2.46 0.00 14.74
C SER B 171 -1.91 1.00 15.76
N CYS B 172 -2.50 2.19 15.81
CA CYS B 172 -1.95 3.20 16.69
C CYS B 172 -3.05 4.22 17.03
N GLN B 173 -2.65 5.28 17.76
CA GLN B 173 -3.60 6.33 18.12
C GLN B 173 -4.26 6.91 16.88
N GLY B 174 -5.59 6.94 16.91
CA GLY B 174 -6.40 7.42 15.81
C GLY B 174 -6.99 6.31 14.96
N ASP B 175 -6.49 5.09 15.11
CA ASP B 175 -7.04 3.96 14.38
C ASP B 175 -8.20 3.31 15.11
N SER B 176 -8.40 3.64 16.38
CA SER B 176 -9.40 3.00 17.20
C SER B 176 -10.74 2.92 16.49
N GLY B 177 -11.40 1.79 16.64
CA GLY B 177 -12.68 1.56 16.04
C GLY B 177 -12.61 1.14 14.59
N GLY B 178 -11.45 1.19 13.97
CA GLY B 178 -11.29 0.72 12.60
C GLY B 178 -11.17 -0.78 12.53
N PRO B 179 -11.19 -1.30 11.29
CA PRO B 179 -11.36 -2.75 11.09
C PRO B 179 -10.07 -3.55 11.11
N LEU B 180 -10.18 -4.75 11.66
CA LEU B 180 -9.25 -5.86 11.45
C LEU B 180 -10.01 -6.83 10.55
N VAL B 181 -9.51 -7.01 9.33
CA VAL B 181 -10.24 -7.73 8.29
C VAL B 181 -9.51 -9.02 8.01
N CYS B 182 -10.20 -10.15 8.12
CA CYS B 182 -9.60 -11.46 7.85
C CYS B 182 -10.53 -12.23 6.92
N GLY B 183 -9.99 -12.70 5.79
CA GLY B 183 -10.81 -13.45 4.85
C GLY B 183 -12.00 -12.66 4.36
N ASP B 184 -11.80 -11.36 4.14
CA ASP B 184 -12.82 -10.45 3.63
C ASP B 184 -14.02 -10.33 4.58
N HIS B 185 -13.80 -10.60 5.87
CA HIS B 185 -14.83 -10.40 6.88
C HIS B 185 -14.27 -9.57 8.03
N LEU B 186 -15.15 -8.87 8.72
CA LEU B 186 -14.74 -8.09 9.87
C LEU B 186 -14.49 -9.01 11.06
N ARG B 187 -13.25 -9.05 11.52
CA ARG B 187 -12.85 -9.92 12.62
C ARG B 187 -12.65 -9.15 13.91
N GLY B 188 -12.25 -7.88 13.83
CA GLY B 188 -11.94 -7.12 15.01
C GLY B 188 -12.10 -5.65 14.78
N LEU B 189 -12.09 -4.91 15.89
CA LEU B 189 -12.02 -3.45 15.86
C LEU B 189 -10.82 -3.01 16.67
N VAL B 190 -10.05 -2.04 16.14
CA VAL B 190 -8.90 -1.51 16.87
C VAL B 190 -9.35 -1.03 18.22
N SER B 191 -8.69 -1.49 19.29
CA SER B 191 -9.12 -1.11 20.62
C SER B 191 -7.97 -0.50 21.43
N TRP B 192 -6.91 -1.28 21.66
CA TRP B 192 -5.77 -0.82 22.44
C TRP B 192 -4.56 -1.67 22.05
N GLY B 193 -3.40 -1.35 22.64
CA GLY B 193 -2.18 -2.04 22.31
C GLY B 193 -1.01 -1.32 22.96
N ASN B 194 0.18 -1.69 22.53
CA ASN B 194 1.37 -1.13 23.18
C ASN B 194 1.51 0.36 22.87
N ILE B 195 2.20 1.06 23.79
CA ILE B 195 2.71 2.39 23.54
C ILE B 195 4.18 2.37 23.93
N PRO B 196 5.11 2.71 23.03
CA PRO B 196 4.82 3.18 21.67
C PRO B 196 4.21 2.09 20.81
N CYS B 197 3.50 2.51 19.77
CA CYS B 197 2.86 1.54 18.90
C CYS B 197 3.92 0.72 18.17
N GLY B 198 3.55 -0.51 17.84
CA GLY B 198 4.50 -1.45 17.30
C GLY B 198 4.27 -2.80 17.95
N SER B 199 4.18 -3.86 17.15
CA SER B 199 3.75 -5.16 17.67
C SER B 199 4.88 -6.19 17.70
N LYS B 200 6.15 -5.76 17.66
CA LYS B 200 7.24 -6.72 17.67
C LYS B 200 7.26 -7.53 18.96
N GLU B 201 6.95 -6.89 20.08
CA GLU B 201 6.96 -7.59 21.36
C GLU B 201 5.57 -7.87 21.91
N LYS B 202 4.67 -6.89 21.83
CA LYS B 202 3.33 -7.06 22.35
C LYS B 202 2.33 -6.80 21.23
N PRO B 203 1.36 -7.68 21.01
CA PRO B 203 0.44 -7.51 19.88
C PRO B 203 -0.58 -6.42 20.14
N GLY B 204 -1.19 -5.94 19.06
CA GLY B 204 -2.34 -5.07 19.19
C GLY B 204 -3.55 -5.84 19.71
N VAL B 205 -4.43 -5.15 20.42
CA VAL B 205 -5.62 -5.76 21.02
C VAL B 205 -6.87 -5.19 20.34
N TYR B 206 -7.73 -6.09 19.90
CA TYR B 206 -8.88 -5.75 19.08
C TYR B 206 -10.15 -6.29 19.73
N THR B 207 -11.26 -5.56 19.56
CA THR B 207 -12.54 -6.08 19.99
C THR B 207 -12.90 -7.29 19.13
N ASN B 208 -13.29 -8.38 19.77
CA ASN B 208 -13.50 -9.67 19.09
C ASN B 208 -14.91 -9.68 18.52
N VAL B 209 -15.05 -9.21 17.28
CA VAL B 209 -16.36 -8.93 16.67
C VAL B 209 -17.26 -10.15 16.58
N CYS B 210 -16.68 -11.34 16.35
CA CYS B 210 -17.50 -12.54 16.23
C CYS B 210 -18.35 -12.80 17.46
N ARG B 211 -17.98 -12.26 18.62
CA ARG B 211 -18.74 -12.47 19.84
C ARG B 211 -20.03 -11.66 19.87
N TYR B 212 -20.22 -10.73 18.94
CA TYR B 212 -21.25 -9.71 19.05
C TYR B 212 -22.31 -9.80 17.95
N THR B 213 -22.32 -10.88 17.18
CA THR B 213 -23.24 -10.97 16.05
C THR B 213 -24.71 -10.86 16.48
N ASN B 214 -25.10 -11.54 17.56
CA ASN B 214 -26.48 -11.41 18.01
C ASN B 214 -26.85 -9.99 18.36
N TRP B 215 -26.05 -9.35 19.22
CA TRP B 215 -26.34 -7.99 19.66
C TRP B 215 -26.38 -7.03 18.49
N ILE B 216 -25.43 -7.16 17.55
CA ILE B 216 -25.41 -6.28 16.40
C ILE B 216 -26.67 -6.45 15.57
N GLN B 217 -27.04 -7.70 15.27
CA GLN B 217 -28.21 -7.93 14.44
C GLN B 217 -29.48 -7.45 15.13
N LYS B 218 -29.59 -7.67 16.43
CA LYS B 218 -30.81 -7.29 17.14
C LYS B 218 -30.93 -5.77 17.23
N THR B 219 -29.80 -5.08 17.38
CA THR B 219 -29.83 -3.63 17.49
C THR B 219 -30.24 -2.99 16.18
N ILE B 220 -29.77 -3.53 15.06
CA ILE B 220 -30.08 -3.00 13.74
C ILE B 220 -31.53 -3.25 13.39
N GLN B 221 -32.08 -4.38 13.82
CA GLN B 221 -33.43 -4.77 13.48
C GLN B 221 -34.52 -4.07 14.30
N ALA B 222 -34.16 -3.57 15.48
CA ALA B 222 -35.13 -2.85 16.30
#